data_4M1N
#
_entry.id   4M1N
#
_cell.length_a   85.190
_cell.length_b   90.770
_cell.length_c   122.740
_cell.angle_alpha   90.00
_cell.angle_beta   90.00
_cell.angle_gamma   90.00
#
_symmetry.space_group_name_H-M   'C 2 2 21'
#
loop_
_entity.id
_entity.type
_entity.pdbx_description
1 polymer 'Ubiquitin conjugating enzyme UBC9'
2 non-polymer 'SODIUM ION'
3 water water
#
_entity_poly.entity_id   1
_entity_poly.type   'polypeptide(L)'
_entity_poly.pdbx_seq_one_letter_code
;MASIAKKRLAQERAEWRKDHPAGFSAKYSPMSDGKGLDIMKWICKIPGKKGGLWEGGEYPLTMEFTEDYPSKPPKCKFTT
VLFHPNIYPSGTVCLSILNEDEDWKPSITIKQILLGIQDLLDNPNPNSPAQAEPFLLYQQDRDSYEKKVKKQAIEFRPKD
;
_entity_poly.pdbx_strand_id   A,B,C
#
# COMPACT_ATOMS: atom_id res chain seq x y z
N SER A 3 -25.24 16.01 4.01
CA SER A 3 -24.22 14.97 4.06
C SER A 3 -24.05 14.43 5.48
N ILE A 4 -24.38 13.15 5.69
CA ILE A 4 -24.20 12.53 7.00
C ILE A 4 -22.72 12.55 7.36
N ALA A 5 -21.87 12.30 6.37
CA ALA A 5 -20.43 12.24 6.60
C ALA A 5 -19.89 13.59 7.08
N LYS A 6 -20.26 14.66 6.39
CA LYS A 6 -19.75 15.99 6.76
C LYS A 6 -20.34 16.49 8.07
N LYS A 7 -21.59 16.13 8.36
CA LYS A 7 -22.19 16.49 9.63
C LYS A 7 -21.45 15.83 10.79
N ARG A 8 -21.14 14.56 10.62
CA ARG A 8 -20.42 13.81 11.65
C ARG A 8 -19.00 14.33 11.82
N LEU A 9 -18.35 14.64 10.70
CA LEU A 9 -16.98 15.14 10.73
C LEU A 9 -16.91 16.49 11.41
N ALA A 10 -17.90 17.33 11.16
CA ALA A 10 -17.94 18.62 11.84
C ALA A 10 -18.13 18.43 13.34
N GLN A 11 -18.97 17.48 13.72
CA GLN A 11 -19.18 17.16 15.13
C GLN A 11 -17.91 16.59 15.77
N GLU A 12 -17.22 15.70 15.05
CA GLU A 12 -15.96 15.14 15.56
C GLU A 12 -14.92 16.23 15.76
N ARG A 13 -14.80 17.13 14.79
CA ARG A 13 -13.85 18.24 14.89
C ARG A 13 -14.18 19.17 16.05
N ALA A 14 -15.46 19.50 16.21
CA ALA A 14 -15.86 20.37 17.31
C ALA A 14 -15.59 19.74 18.66
N GLU A 15 -15.92 18.46 18.79
CA GLU A 15 -15.70 17.76 20.04
C GLU A 15 -14.21 17.59 20.31
N TRP A 16 -13.41 17.34 19.26
CA TRP A 16 -11.97 17.26 19.39
C TRP A 16 -11.37 18.57 19.92
N ARG A 17 -11.79 19.70 19.38
CA ARG A 17 -11.29 21.00 19.84
C ARG A 17 -11.64 21.28 21.30
N LYS A 18 -12.78 20.77 21.76
CA LYS A 18 -13.18 20.94 23.16
C LYS A 18 -12.32 20.13 24.12
N ASP A 19 -11.97 18.92 23.70
CA ASP A 19 -11.29 17.98 24.57
C ASP A 19 -10.57 16.93 23.76
N HIS A 20 -9.24 16.97 23.80
CA HIS A 20 -8.41 15.98 23.13
C HIS A 20 -7.14 15.73 23.93
N PRO A 21 -6.50 14.58 23.70
CA PRO A 21 -5.28 14.28 24.44
C PRO A 21 -4.13 15.21 24.07
N ALA A 22 -3.35 15.61 25.07
CA ALA A 22 -2.22 16.51 24.86
C ALA A 22 -1.21 15.94 23.88
N GLY A 23 -0.70 16.81 23.01
CA GLY A 23 0.35 16.43 22.09
C GLY A 23 -0.17 15.88 20.78
N PHE A 24 -1.47 15.64 20.71
CA PHE A 24 -2.12 15.18 19.47
C PHE A 24 -2.67 16.36 18.67
N SER A 25 -2.76 16.18 17.36
CA SER A 25 -3.39 17.17 16.49
C SER A 25 -4.30 16.46 15.51
N ALA A 26 -5.43 17.09 15.17
CA ALA A 26 -6.35 16.54 14.18
C ALA A 26 -7.11 17.68 13.55
N LYS A 27 -6.73 18.05 12.33
CA LYS A 27 -7.27 19.23 11.64
C LYS A 27 -7.71 18.90 10.23
N TYR A 28 -8.60 19.71 9.66
CA TYR A 28 -8.87 19.61 8.23
C TYR A 28 -7.61 20.03 7.47
N SER A 29 -7.31 19.33 6.39
CA SER A 29 -6.14 19.66 5.59
C SER A 29 -6.49 20.76 4.60
N PRO A 30 -5.51 21.56 4.20
CA PRO A 30 -5.78 22.63 3.23
C PRO A 30 -6.23 22.10 1.87
N MET A 31 -7.24 22.72 1.27
CA MET A 31 -7.60 22.44 -0.11
C MET A 31 -6.41 22.62 -1.04
N SER A 32 -6.33 21.79 -2.07
CA SER A 32 -5.18 21.83 -2.96
C SER A 32 -5.12 23.12 -3.76
N ASP A 33 -6.28 23.73 -4.02
CA ASP A 33 -6.32 24.98 -4.76
C ASP A 33 -6.06 26.20 -3.87
N GLY A 34 -6.00 25.97 -2.56
CA GLY A 34 -5.65 27.05 -1.63
C GLY A 34 -6.85 27.70 -0.96
N LYS A 35 -8.05 27.37 -1.41
CA LYS A 35 -9.25 28.02 -0.90
C LYS A 35 -10.02 27.12 0.07
N GLY A 36 -9.88 27.40 1.35
CA GLY A 36 -10.63 26.68 2.36
C GLY A 36 -9.97 25.39 2.78
N LEU A 37 -10.73 24.62 3.55
CA LEU A 37 -10.21 23.42 4.17
C LEU A 37 -11.00 22.21 3.68
N ASP A 38 -10.37 21.04 3.72
CA ASP A 38 -10.98 19.82 3.20
C ASP A 38 -11.41 18.97 4.37
N ILE A 39 -12.70 18.99 4.64
CA ILE A 39 -13.27 18.25 5.76
C ILE A 39 -13.09 16.74 5.55
N MET A 40 -12.88 16.32 4.31
CA MET A 40 -12.79 14.88 4.01
C MET A 40 -11.38 14.33 4.16
N LYS A 41 -10.41 15.21 4.34
CA LYS A 41 -9.04 14.77 4.53
C LYS A 41 -8.40 15.53 5.66
N TRP A 42 -8.14 14.83 6.75
CA TRP A 42 -7.55 15.46 7.92
C TRP A 42 -6.04 15.24 7.98
N ILE A 43 -5.32 16.24 8.48
CA ILE A 43 -3.91 16.09 8.81
C ILE A 43 -3.80 16.04 10.33
N CYS A 44 -3.19 14.97 10.81
CA CYS A 44 -3.12 14.68 12.24
C CYS A 44 -1.68 14.48 12.70
N LYS A 45 -1.47 14.55 14.00
CA LYS A 45 -0.16 14.26 14.58
C LYS A 45 -0.33 13.42 15.83
N ILE A 46 0.48 12.38 15.95
CA ILE A 46 0.47 11.49 17.10
C ILE A 46 1.80 11.59 17.83
N PRO A 47 1.78 11.90 19.13
CA PRO A 47 3.02 11.85 19.92
C PRO A 47 3.35 10.43 20.33
N GLY A 48 4.63 10.07 20.38
CA GLY A 48 5.00 8.78 20.94
C GLY A 48 4.55 8.69 22.39
N LYS A 49 3.99 7.55 22.78
CA LYS A 49 3.56 7.39 24.17
C LYS A 49 4.74 7.38 25.13
N LYS A 50 4.60 8.10 26.24
CA LYS A 50 5.67 8.16 27.23
C LYS A 50 6.03 6.77 27.74
N GLY A 51 7.33 6.49 27.83
CA GLY A 51 7.81 5.22 28.36
C GLY A 51 8.04 4.17 27.30
N GLY A 52 7.56 4.42 26.09
CA GLY A 52 7.73 3.48 24.99
C GLY A 52 8.83 3.89 24.03
N LEU A 53 9.08 3.06 23.02
CA LEU A 53 10.19 3.27 22.09
C LEU A 53 10.05 4.51 21.23
N TRP A 54 8.82 5.00 21.06
CA TRP A 54 8.55 6.09 20.13
C TRP A 54 8.51 7.44 20.84
N GLU A 55 8.76 7.43 22.15
CA GLU A 55 8.68 8.65 22.96
C GLU A 55 9.55 9.77 22.40
N GLY A 56 9.02 10.99 22.38
CA GLY A 56 9.73 12.16 21.93
C GLY A 56 9.44 12.53 20.48
N GLY A 57 9.02 11.55 19.71
CA GLY A 57 8.69 11.80 18.31
C GLY A 57 7.27 12.29 18.16
N GLU A 58 7.07 13.01 17.06
CA GLU A 58 5.76 13.48 16.64
C GLU A 58 5.53 12.93 15.24
N TYR A 59 4.49 12.12 15.08
CA TYR A 59 4.32 11.33 13.84
C TYR A 59 3.10 11.81 13.07
N PRO A 60 3.32 12.51 11.94
CA PRO A 60 2.20 13.03 11.16
C PRO A 60 1.49 11.95 10.37
N LEU A 61 0.17 12.09 10.29
CA LEU A 61 -0.61 11.14 9.50
CA LEU A 61 -0.68 11.10 9.64
C LEU A 61 -1.89 11.77 9.01
N THR A 62 -2.31 11.28 7.85
CA THR A 62 -3.55 11.75 7.27
C THR A 62 -4.68 10.76 7.54
N MET A 63 -5.89 11.29 7.60
CA MET A 63 -7.11 10.50 7.64
C MET A 63 -7.99 10.91 6.48
N GLU A 64 -8.28 9.95 5.60
CA GLU A 64 -9.09 10.21 4.43
C GLU A 64 -10.45 9.54 4.56
N PHE A 65 -11.48 10.37 4.49
CA PHE A 65 -12.86 9.92 4.64
C PHE A 65 -13.55 9.96 3.28
N THR A 66 -14.60 9.16 3.14
CA THR A 66 -15.47 9.26 1.96
C THR A 66 -16.89 9.57 2.41
N GLU A 67 -17.80 9.73 1.45
CA GLU A 67 -19.19 10.00 1.79
C GLU A 67 -19.89 8.81 2.44
N ASP A 68 -19.24 7.65 2.46
CA ASP A 68 -19.78 6.50 3.16
C ASP A 68 -19.40 6.48 4.64
N TYR A 69 -18.56 7.43 5.06
CA TYR A 69 -18.30 7.61 6.48
C TYR A 69 -19.61 8.06 7.12
N PRO A 70 -19.95 7.52 8.30
CA PRO A 70 -19.18 6.63 9.18
C PRO A 70 -19.39 5.12 9.01
N SER A 71 -20.09 4.69 7.96
CA SER A 71 -20.19 3.26 7.70
C SER A 71 -18.84 2.68 7.30
N LYS A 72 -18.06 3.46 6.57
CA LYS A 72 -16.72 3.10 6.12
C LYS A 72 -15.67 3.84 6.95
N PRO A 73 -14.66 3.11 7.44
CA PRO A 73 -13.61 3.79 8.21
C PRO A 73 -12.72 4.67 7.32
N PRO A 74 -12.08 5.68 7.90
CA PRO A 74 -11.07 6.43 7.14
C PRO A 74 -9.84 5.59 6.83
N LYS A 75 -9.17 5.91 5.74
CA LYS A 75 -7.82 5.40 5.52
C LYS A 75 -6.84 6.27 6.29
N CYS A 76 -6.07 5.67 7.19
CA CYS A 76 -5.14 6.39 8.03
C CYS A 76 -3.73 6.08 7.56
N LYS A 77 -2.97 7.11 7.23
N LYS A 77 -2.98 7.10 7.19
CA LYS A 77 -1.68 6.92 6.59
CA LYS A 77 -1.67 6.92 6.59
C LYS A 77 -0.61 7.84 7.15
C LYS A 77 -0.62 7.83 7.20
N PHE A 78 0.45 7.25 7.71
CA PHE A 78 1.58 8.06 8.12
C PHE A 78 2.25 8.66 6.89
N THR A 79 2.54 9.95 6.94
CA THR A 79 3.06 10.65 5.75
C THR A 79 4.52 10.35 5.51
N THR A 80 5.22 9.92 6.56
CA THR A 80 6.52 9.26 6.38
C THR A 80 6.35 7.88 6.99
N VAL A 81 6.71 6.85 6.22
CA VAL A 81 6.53 5.49 6.70
C VAL A 81 7.42 5.27 7.93
N LEU A 82 6.83 4.68 8.95
CA LEU A 82 7.56 4.40 10.18
C LEU A 82 8.08 2.98 10.14
N PHE A 83 9.18 2.76 10.83
CA PHE A 83 9.79 1.42 10.93
C PHE A 83 9.02 0.57 11.95
N HIS A 84 7.90 0.02 11.52
CA HIS A 84 6.97 -0.68 12.39
C HIS A 84 6.30 -1.81 11.60
N PRO A 85 6.15 -3.00 12.22
CA PRO A 85 5.64 -4.16 11.48
C PRO A 85 4.23 -3.99 10.90
N ASN A 86 3.42 -3.10 11.46
CA ASN A 86 2.02 -3.02 11.05
C ASN A 86 1.70 -1.77 10.25
N ILE A 87 2.73 -1.09 9.75
CA ILE A 87 2.55 0.06 8.87
C ILE A 87 2.96 -0.34 7.46
N TYR A 88 2.03 -0.30 6.52
CA TYR A 88 2.32 -0.66 5.13
C TYR A 88 3.36 0.27 4.51
N PRO A 89 4.05 -0.19 3.45
CA PRO A 89 5.00 0.67 2.75
C PRO A 89 4.39 1.93 2.19
N SER A 90 3.08 1.96 2.05
CA SER A 90 2.34 3.15 1.67
C SER A 90 2.21 4.16 2.79
N GLY A 91 2.40 3.68 4.02
CA GLY A 91 2.11 4.47 5.20
C GLY A 91 0.82 4.08 5.89
N THR A 92 -0.02 3.30 5.20
CA THR A 92 -1.30 2.93 5.76
C THR A 92 -1.15 2.09 7.03
N VAL A 93 -1.92 2.45 8.04
CA VAL A 93 -1.97 1.74 9.29
C VAL A 93 -2.83 0.48 9.17
N CYS A 94 -2.25 -0.66 9.52
CA CYS A 94 -2.97 -1.93 9.55
C CYS A 94 -3.42 -2.20 10.99
N LEU A 95 -4.72 -2.07 11.22
CA LEU A 95 -5.30 -2.12 12.57
C LEU A 95 -6.76 -2.54 12.46
N SER A 96 -7.17 -3.49 13.30
CA SER A 96 -8.49 -4.10 13.17
C SER A 96 -9.64 -3.12 13.32
N ILE A 97 -9.53 -2.11 14.19
CA ILE A 97 -10.62 -1.13 14.27
C ILE A 97 -10.73 -0.25 13.03
N LEU A 98 -9.76 -0.31 12.13
CA LEU A 98 -9.81 0.47 10.90
C LEU A 98 -10.24 -0.37 9.69
N ASN A 99 -10.70 -1.59 9.96
CA ASN A 99 -11.10 -2.53 8.93
C ASN A 99 -12.60 -2.76 9.00
N GLU A 100 -13.29 -2.41 7.91
CA GLU A 100 -14.74 -2.50 7.81
C GLU A 100 -15.25 -3.91 8.14
N ASP A 101 -14.48 -4.92 7.77
CA ASP A 101 -14.93 -6.30 7.87
C ASP A 101 -14.44 -6.94 9.16
N GLU A 102 -13.73 -6.17 9.96
CA GLU A 102 -13.25 -6.62 11.26
C GLU A 102 -13.86 -5.81 12.39
N ASP A 103 -13.12 -4.87 12.97
CA ASP A 103 -13.60 -4.21 14.18
C ASP A 103 -14.01 -2.73 14.05
N TRP A 104 -14.06 -2.19 12.83
CA TRP A 104 -14.64 -0.85 12.67
C TRP A 104 -16.12 -0.80 13.08
N LYS A 105 -16.48 0.27 13.78
CA LYS A 105 -17.87 0.60 14.12
C LYS A 105 -18.09 2.06 13.82
N PRO A 106 -19.26 2.42 13.26
CA PRO A 106 -19.55 3.83 13.00
C PRO A 106 -19.38 4.75 14.23
N SER A 107 -19.54 4.21 15.43
CA SER A 107 -19.45 5.02 16.65
C SER A 107 -18.01 5.32 17.07
N ILE A 108 -17.03 4.71 16.43
CA ILE A 108 -15.65 4.99 16.79
C ILE A 108 -15.31 6.46 16.46
N THR A 109 -14.70 7.14 17.42
CA THR A 109 -14.35 8.56 17.28
C THR A 109 -12.93 8.77 16.76
N ILE A 110 -12.65 10.00 16.33
CA ILE A 110 -11.30 10.35 15.89
C ILE A 110 -10.30 10.15 17.01
N LYS A 111 -10.65 10.56 18.22
CA LYS A 111 -9.79 10.34 19.37
C LYS A 111 -9.54 8.85 19.58
N GLN A 112 -10.56 8.02 19.45
CA GLN A 112 -10.34 6.59 19.65
C GLN A 112 -9.40 6.03 18.59
N ILE A 113 -9.53 6.50 17.35
CA ILE A 113 -8.62 6.09 16.30
C ILE A 113 -7.17 6.49 16.58
N LEU A 114 -6.94 7.75 16.94
CA LEU A 114 -5.59 8.22 17.16
C LEU A 114 -4.95 7.55 18.39
N LEU A 115 -5.74 7.33 19.44
CA LEU A 115 -5.23 6.63 20.62
C LEU A 115 -4.94 5.17 20.27
N GLY A 116 -5.77 4.57 19.44
CA GLY A 116 -5.54 3.20 19.02
C GLY A 116 -4.27 3.05 18.20
N ILE A 117 -4.03 4.02 17.32
CA ILE A 117 -2.79 4.01 16.53
C ILE A 117 -1.57 4.25 17.42
N GLN A 118 -1.68 5.19 18.37
CA GLN A 118 -0.57 5.42 19.31
C GLN A 118 -0.22 4.12 20.06
N ASP A 119 -1.25 3.40 20.48
CA ASP A 119 -1.03 2.16 21.21
C ASP A 119 -0.39 1.11 20.32
N LEU A 120 -0.84 1.05 19.06
CA LEU A 120 -0.27 0.11 18.09
C LEU A 120 1.24 0.31 17.95
N LEU A 121 1.68 1.56 17.95
CA LEU A 121 3.12 1.82 17.82
C LEU A 121 3.90 1.06 18.87
N ASP A 122 3.42 1.10 20.12
CA ASP A 122 4.10 0.42 21.23
C ASP A 122 3.83 -1.08 21.29
N ASN A 123 2.79 -1.53 20.60
CA ASN A 123 2.37 -2.92 20.68
CA ASN A 123 2.37 -2.92 20.68
C ASN A 123 2.17 -3.56 19.31
N PRO A 124 3.27 -3.86 18.60
CA PRO A 124 3.15 -4.49 17.28
C PRO A 124 2.39 -5.80 17.36
N ASN A 125 1.66 -6.09 16.29
CA ASN A 125 0.84 -7.30 16.20
C ASN A 125 1.45 -8.29 15.23
N PRO A 126 1.96 -9.41 15.75
CA PRO A 126 2.67 -10.38 14.90
C PRO A 126 1.76 -11.09 13.91
N ASN A 127 0.45 -10.98 14.08
CA ASN A 127 -0.50 -11.68 13.22
C ASN A 127 -0.90 -10.87 12.00
N SER A 128 -0.55 -9.59 12.02
CA SER A 128 -0.89 -8.70 10.90
C SER A 128 0.33 -8.00 10.32
N PRO A 129 1.31 -8.77 9.81
CA PRO A 129 2.49 -8.09 9.26
C PRO A 129 2.14 -7.30 8.01
N ALA A 130 2.60 -6.07 7.96
CA ALA A 130 2.34 -5.19 6.82
C ALA A 130 3.61 -4.65 6.17
N GLN A 131 4.74 -4.76 6.88
CA GLN A 131 6.01 -4.22 6.37
C GLN A 131 7.12 -5.22 6.65
N ALA A 132 7.72 -5.73 5.59
CA ALA A 132 8.65 -6.83 5.72
C ALA A 132 9.85 -6.56 6.63
N GLU A 133 10.56 -5.46 6.42
CA GLU A 133 11.81 -5.28 7.14
C GLU A 133 11.61 -5.15 8.66
N PRO A 134 10.69 -4.29 9.12
CA PRO A 134 10.54 -4.25 10.58
C PRO A 134 9.93 -5.54 11.16
N PHE A 135 9.06 -6.20 10.41
CA PHE A 135 8.51 -7.47 10.88
C PHE A 135 9.64 -8.48 11.07
N LEU A 136 10.53 -8.55 10.08
CA LEU A 136 11.65 -9.48 10.17
C LEU A 136 12.63 -9.09 11.28
N LEU A 137 12.98 -7.82 11.41
CA LEU A 137 13.95 -7.40 12.43
C LEU A 137 13.41 -7.61 13.84
N TYR A 138 12.12 -7.34 14.02
CA TYR A 138 11.47 -7.56 15.30
C TYR A 138 11.70 -8.99 15.78
N GLN A 139 11.66 -9.92 14.84
CA GLN A 139 11.88 -11.34 15.13
C GLN A 139 13.34 -11.75 15.20
N GLN A 140 14.16 -11.16 14.33
CA GLN A 140 15.57 -11.56 14.24
C GLN A 140 16.36 -11.14 15.49
N ASP A 141 16.11 -9.91 15.93
CA ASP A 141 16.83 -9.33 17.07
C ASP A 141 16.08 -8.13 17.63
N ARG A 142 15.25 -8.34 18.64
CA ARG A 142 14.42 -7.27 19.17
C ARG A 142 15.29 -6.12 19.69
N ASP A 143 16.51 -6.41 20.16
CA ASP A 143 17.38 -5.32 20.60
C ASP A 143 17.69 -4.38 19.44
N SER A 144 17.93 -4.96 18.28
CA SER A 144 18.24 -4.16 17.09
C SER A 144 17.01 -3.39 16.59
N TYR A 145 15.84 -4.01 16.67
CA TYR A 145 14.59 -3.34 16.38
C TYR A 145 14.44 -2.11 17.27
N GLU A 146 14.68 -2.29 18.57
CA GLU A 146 14.58 -1.17 19.51
C GLU A 146 15.55 -0.06 19.18
N LYS A 147 16.76 -0.41 18.77
CA LYS A 147 17.78 0.57 18.42
CA LYS A 147 17.78 0.57 18.42
C LYS A 147 17.31 1.40 17.23
N LYS A 148 16.76 0.72 16.22
CA LYS A 148 16.29 1.44 15.04
C LYS A 148 15.11 2.34 15.33
N VAL A 149 14.18 1.87 16.14
CA VAL A 149 13.00 2.67 16.44
C VAL A 149 13.38 3.90 17.28
N LYS A 150 14.25 3.72 18.27
CA LYS A 150 14.67 4.86 19.09
C LYS A 150 15.36 5.94 18.25
N LYS A 151 16.12 5.49 17.25
CA LYS A 151 16.82 6.42 16.36
C LYS A 151 15.82 7.18 15.51
N GLN A 152 14.80 6.48 15.01
CA GLN A 152 13.78 7.14 14.21
C GLN A 152 12.96 8.10 15.06
N ALA A 153 12.72 7.75 16.32
CA ALA A 153 11.97 8.64 17.21
C ALA A 153 12.68 9.98 17.37
N ILE A 154 14.00 9.94 17.46
CA ILE A 154 14.75 11.19 17.55
C ILE A 154 14.60 12.01 16.27
N GLU A 155 14.59 11.33 15.13
CA GLU A 155 14.44 12.01 13.85
C GLU A 155 13.06 12.65 13.71
N PHE A 156 12.07 12.11 14.42
CA PHE A 156 10.72 12.63 14.39
C PHE A 156 10.42 13.59 15.53
N ARG A 157 11.41 14.00 16.29
CA ARG A 157 11.20 15.06 17.27
C ARG A 157 10.78 16.31 16.50
N PRO A 158 9.87 17.11 17.08
CA PRO A 158 9.44 18.30 16.34
C PRO A 158 10.65 19.13 15.91
N LYS A 159 10.62 19.63 14.68
CA LYS A 159 11.76 20.37 14.17
C LYS A 159 11.96 21.67 14.91
N ASP A 160 13.22 21.93 15.24
CA ASP A 160 13.63 23.15 15.92
C ASP A 160 13.83 24.25 14.91
N ALA B 2 -7.44 14.36 -16.49
CA ALA B 2 -7.31 13.03 -17.07
C ALA B 2 -5.91 12.46 -16.90
N SER B 3 -5.82 11.12 -16.96
CA SER B 3 -4.61 10.30 -16.81
C SER B 3 -4.35 10.08 -15.33
N ILE B 4 -4.61 8.87 -14.85
CA ILE B 4 -4.38 8.59 -13.44
C ILE B 4 -2.89 8.74 -13.16
N ALA B 5 -2.04 8.38 -14.14
CA ALA B 5 -0.60 8.49 -13.92
C ALA B 5 -0.19 9.95 -13.68
N LYS B 6 -0.65 10.87 -14.52
CA LYS B 6 -0.24 12.26 -14.36
C LYS B 6 -0.90 12.90 -13.13
N LYS B 7 -2.14 12.51 -12.84
CA LYS B 7 -2.77 13.03 -11.63
C LYS B 7 -2.01 12.56 -10.39
N ARG B 8 -1.59 11.31 -10.36
CA ARG B 8 -0.84 10.80 -9.20
C ARG B 8 0.51 11.47 -9.09
N LEU B 9 1.21 11.63 -10.20
CA LEU B 9 2.52 12.26 -10.19
C LEU B 9 2.46 13.73 -9.76
N ALA B 10 1.43 14.46 -10.21
CA ALA B 10 1.27 15.85 -9.80
C ALA B 10 1.01 15.92 -8.30
N GLN B 11 0.25 14.97 -7.80
CA GLN B 11 -0.04 14.88 -6.37
CA GLN B 11 -0.04 14.88 -6.37
C GLN B 11 1.22 14.57 -5.58
N GLU B 12 2.02 13.63 -6.08
CA GLU B 12 3.29 13.27 -5.43
C GLU B 12 4.22 14.47 -5.34
N ARG B 13 4.33 15.19 -6.44
CA ARG B 13 5.16 16.39 -6.48
C ARG B 13 4.68 17.49 -5.54
N ALA B 14 3.37 17.73 -5.49
CA ALA B 14 2.82 18.75 -4.61
C ALA B 14 3.08 18.40 -3.13
N GLU B 15 2.87 17.15 -2.77
CA GLU B 15 3.10 16.72 -1.40
C GLU B 15 4.59 16.76 -1.05
N TRP B 16 5.43 16.40 -2.01
CA TRP B 16 6.87 16.48 -1.84
C TRP B 16 7.31 17.90 -1.48
N ARG B 17 6.79 18.89 -2.20
CA ARG B 17 7.15 20.27 -1.90
C ARG B 17 6.75 20.68 -0.49
N LYS B 18 5.62 20.16 -0.03
CA LYS B 18 5.10 20.51 1.29
C LYS B 18 5.87 19.83 2.44
N ASP B 19 6.36 18.61 2.20
CA ASP B 19 7.08 17.85 3.22
C ASP B 19 7.93 16.79 2.56
N HIS B 20 9.25 16.95 2.68
CA HIS B 20 10.18 15.96 2.18
C HIS B 20 11.42 15.86 3.08
N PRO B 21 12.13 14.73 3.01
CA PRO B 21 13.31 14.61 3.87
C PRO B 21 14.41 15.57 3.47
N ALA B 22 15.08 16.14 4.47
CA ALA B 22 16.16 17.08 4.23
C ALA B 22 17.28 16.47 3.38
N GLY B 23 17.77 17.26 2.43
CA GLY B 23 18.91 16.86 1.63
C GLY B 23 18.51 16.12 0.38
N PHE B 24 17.23 15.76 0.27
CA PHE B 24 16.70 15.09 -0.93
C PHE B 24 16.11 16.13 -1.88
N SER B 25 16.12 15.80 -3.16
CA SER B 25 15.46 16.61 -4.17
C SER B 25 14.67 15.68 -5.09
N ALA B 26 13.50 16.13 -5.55
CA ALA B 26 12.70 15.35 -6.49
C ALA B 26 11.92 16.32 -7.35
N LYS B 27 12.35 16.50 -8.60
CA LYS B 27 11.77 17.48 -9.51
C LYS B 27 11.44 16.85 -10.86
N TYR B 28 10.53 17.47 -11.60
CA TYR B 28 10.38 17.12 -13.02
C TYR B 28 11.65 17.49 -13.75
N SER B 29 12.13 16.64 -14.64
CA SER B 29 13.36 16.95 -15.38
C SER B 29 13.04 17.86 -16.57
N PRO B 30 14.03 18.67 -16.98
CA PRO B 30 13.81 19.57 -18.10
C PRO B 30 13.60 18.81 -19.40
N MET B 31 12.60 19.22 -20.18
CA MET B 31 12.48 18.73 -21.54
C MET B 31 13.78 19.05 -22.27
N SER B 32 14.23 18.12 -23.10
CA SER B 32 15.50 18.28 -23.82
C SER B 32 15.37 19.37 -24.87
N ASP B 33 14.14 19.61 -25.31
CA ASP B 33 13.88 20.60 -26.33
C ASP B 33 13.91 22.01 -25.75
N GLY B 34 14.00 22.08 -24.42
CA GLY B 34 14.19 23.35 -23.73
C GLY B 34 12.95 24.01 -23.17
N LYS B 35 11.77 23.54 -23.57
CA LYS B 35 10.55 24.20 -23.12
C LYS B 35 9.81 23.41 -22.05
N GLY B 36 9.96 23.86 -20.81
CA GLY B 36 9.19 23.29 -19.72
C GLY B 36 9.79 22.01 -19.20
N LEU B 37 9.04 21.36 -18.32
CA LEU B 37 9.53 20.21 -17.58
C LEU B 37 8.69 18.99 -17.92
N ASP B 38 9.26 17.81 -17.67
CA ASP B 38 8.65 16.52 -18.01
C ASP B 38 8.15 15.78 -16.76
N ILE B 39 6.83 15.78 -16.58
CA ILE B 39 6.22 15.12 -15.44
C ILE B 39 6.49 13.60 -15.44
N MET B 40 6.81 13.04 -16.61
CA MET B 40 7.02 11.60 -16.71
C MET B 40 8.45 11.15 -16.46
N LYS B 41 9.37 12.10 -16.33
CA LYS B 41 10.74 11.77 -16.01
C LYS B 41 11.28 12.73 -14.97
N TRP B 42 11.48 12.24 -13.75
CA TRP B 42 11.93 13.10 -12.66
C TRP B 42 13.42 13.01 -12.49
N ILE B 43 14.03 14.11 -12.07
CA ILE B 43 15.42 14.11 -11.66
C ILE B 43 15.44 14.29 -10.15
N CYS B 44 16.07 13.34 -9.48
CA CYS B 44 16.08 13.30 -8.02
C CYS B 44 17.51 13.29 -7.52
N LYS B 45 17.67 13.64 -6.24
CA LYS B 45 18.97 13.58 -5.60
C LYS B 45 18.80 12.98 -4.24
N ILE B 46 19.66 12.01 -3.96
CA ILE B 46 19.67 11.29 -2.69
C ILE B 46 20.97 11.58 -1.94
N PRO B 47 20.85 12.09 -0.71
CA PRO B 47 22.05 12.27 0.11
C PRO B 47 22.46 10.95 0.75
N GLY B 48 23.76 10.69 0.88
CA GLY B 48 24.19 9.54 1.66
C GLY B 48 23.69 9.63 3.09
N LYS B 49 23.22 8.52 3.63
CA LYS B 49 22.75 8.51 5.01
C LYS B 49 23.90 8.81 5.97
N LYS B 50 23.62 9.66 6.95
CA LYS B 50 24.61 10.02 7.94
C LYS B 50 25.13 8.78 8.67
N GLY B 51 26.45 8.69 8.80
CA GLY B 51 27.07 7.57 9.48
C GLY B 51 27.47 6.39 8.63
N GLY B 52 27.02 6.36 7.37
CA GLY B 52 27.35 5.26 6.49
C GLY B 52 28.46 5.58 5.51
N LEU B 53 28.82 4.60 4.68
CA LEU B 53 29.95 4.77 3.78
C LEU B 53 29.73 5.84 2.73
N TRP B 54 28.46 6.15 2.46
CA TRP B 54 28.11 7.04 1.37
C TRP B 54 27.87 8.48 1.85
N GLU B 55 28.06 8.71 3.14
CA GLU B 55 27.82 10.04 3.73
C GLU B 55 28.62 11.11 3.03
N GLY B 56 27.96 12.25 2.80
CA GLY B 56 28.60 13.40 2.18
C GLY B 56 28.32 13.49 0.69
N GLY B 57 28.03 12.36 0.08
CA GLY B 57 27.75 12.37 -1.34
C GLY B 57 26.30 12.73 -1.61
N GLU B 58 26.07 13.27 -2.80
CA GLU B 58 24.73 13.53 -3.31
C GLU B 58 24.61 12.75 -4.59
N TYR B 59 23.66 11.80 -4.63
CA TYR B 59 23.62 10.83 -5.73
C TYR B 59 22.40 11.09 -6.60
N PRO B 60 22.61 11.69 -7.79
CA PRO B 60 21.47 11.98 -8.67
C PRO B 60 20.93 10.77 -9.39
N LEU B 61 19.61 10.68 -9.52
N LEU B 61 19.63 10.72 -9.55
CA LEU B 61 19.03 9.56 -10.26
CA LEU B 61 19.05 9.63 -10.31
C LEU B 61 17.74 10.02 -10.91
C LEU B 61 17.76 10.09 -10.96
N THR B 62 17.45 9.44 -12.08
CA THR B 62 16.19 9.71 -12.74
C THR B 62 15.18 8.65 -12.39
N MET B 63 13.91 9.06 -12.42
CA MET B 63 12.78 8.14 -12.31
C MET B 63 11.93 8.31 -13.53
N GLU B 64 11.78 7.25 -14.30
CA GLU B 64 11.02 7.31 -15.55
C GLU B 64 9.72 6.57 -15.39
N PHE B 65 8.62 7.28 -15.60
CA PHE B 65 7.27 6.75 -15.46
C PHE B 65 6.62 6.56 -16.81
N THR B 66 5.64 5.67 -16.87
CA THR B 66 4.78 5.54 -18.06
C THR B 66 3.34 5.83 -17.67
N GLU B 67 2.43 5.82 -18.65
CA GLU B 67 1.02 6.00 -18.34
C GLU B 67 0.42 4.82 -17.59
N ASP B 68 1.19 3.72 -17.47
CA ASP B 68 0.76 2.58 -16.66
C ASP B 68 1.13 2.74 -15.18
N TYR B 69 1.82 3.82 -14.82
CA TYR B 69 2.01 4.15 -13.41
C TYR B 69 0.64 4.51 -12.82
N PRO B 70 0.31 4.05 -11.60
CA PRO B 70 1.17 3.36 -10.64
C PRO B 70 1.12 1.84 -10.65
N SER B 71 0.48 1.20 -11.62
CA SER B 71 0.59 -0.25 -11.75
CA SER B 71 0.59 -0.25 -11.75
C SER B 71 2.04 -0.64 -12.00
N LYS B 72 2.71 0.12 -12.86
CA LYS B 72 4.09 -0.12 -13.25
C LYS B 72 4.99 0.86 -12.49
N PRO B 73 6.01 0.35 -11.79
CA PRO B 73 6.91 1.24 -11.07
C PRO B 73 7.81 2.03 -12.02
N PRO B 74 8.33 3.16 -11.54
CA PRO B 74 9.34 3.86 -12.31
C PRO B 74 10.61 3.04 -12.46
N LYS B 75 11.28 3.27 -13.58
CA LYS B 75 12.67 2.84 -13.73
C LYS B 75 13.54 3.88 -13.04
N CYS B 76 14.34 3.43 -12.08
CA CYS B 76 15.19 4.32 -11.30
C CYS B 76 16.64 4.09 -11.69
N LYS B 77 17.32 5.15 -12.11
CA LYS B 77 18.65 5.01 -12.69
C LYS B 77 19.56 6.11 -12.17
N PHE B 78 20.64 5.75 -11.50
CA PHE B 78 21.64 6.74 -11.12
C PHE B 78 22.30 7.30 -12.37
N THR B 79 22.45 8.62 -12.45
CA THR B 79 22.91 9.23 -13.69
C THR B 79 24.41 9.01 -13.87
N THR B 80 25.11 8.76 -12.77
CA THR B 80 26.45 8.17 -12.79
C THR B 80 26.39 6.90 -11.95
N VAL B 81 26.84 5.79 -12.53
CA VAL B 81 26.77 4.49 -11.85
C VAL B 81 27.58 4.50 -10.56
N LEU B 82 27.02 3.89 -9.52
CA LEU B 82 27.70 3.77 -8.23
C LEU B 82 28.35 2.41 -8.12
N PHE B 83 29.45 2.36 -7.37
CA PHE B 83 30.15 1.10 -7.08
C PHE B 83 29.44 0.37 -5.94
N HIS B 84 28.37 -0.35 -6.29
CA HIS B 84 27.47 -0.92 -5.30
C HIS B 84 26.93 -2.23 -5.83
N PRO B 85 26.83 -3.25 -4.97
CA PRO B 85 26.45 -4.59 -5.44
C PRO B 85 25.10 -4.66 -6.14
N ASN B 86 24.18 -3.74 -5.84
CA ASN B 86 22.83 -3.84 -6.37
C ASN B 86 22.48 -2.76 -7.38
N ILE B 87 23.51 -2.07 -7.89
CA ILE B 87 23.31 -1.11 -8.97
C ILE B 87 23.89 -1.70 -10.24
N TYR B 88 23.06 -1.87 -11.26
CA TYR B 88 23.55 -2.43 -12.51
C TYR B 88 24.62 -1.52 -13.11
N PRO B 89 25.48 -2.06 -13.97
CA PRO B 89 26.52 -1.23 -14.60
C PRO B 89 25.98 -0.02 -15.37
N SER B 90 24.74 -0.11 -15.83
CA SER B 90 24.08 0.99 -16.52
C SER B 90 23.70 2.12 -15.58
N GLY B 91 23.68 1.83 -14.28
CA GLY B 91 23.16 2.78 -13.31
C GLY B 91 21.78 2.43 -12.76
N THR B 92 21.09 1.49 -13.41
CA THR B 92 19.75 1.12 -12.98
C THR B 92 19.75 0.43 -11.62
N VAL B 93 18.82 0.84 -10.76
CA VAL B 93 18.70 0.26 -9.43
C VAL B 93 18.01 -1.11 -9.49
N CYS B 94 18.65 -2.11 -8.91
CA CYS B 94 18.07 -3.44 -8.77
C CYS B 94 17.48 -3.59 -7.38
N LEU B 95 16.15 -3.58 -7.31
CA LEU B 95 15.46 -3.57 -6.03
C LEU B 95 14.10 -4.20 -6.25
N SER B 96 13.70 -5.11 -5.36
N SER B 96 13.69 -5.11 -5.37
CA SER B 96 12.50 -5.90 -5.56
CA SER B 96 12.50 -5.91 -5.59
C SER B 96 11.22 -5.07 -5.62
C SER B 96 11.21 -5.07 -5.63
N ILE B 97 11.16 -3.98 -4.87
CA ILE B 97 10.00 -3.09 -4.93
C ILE B 97 9.92 -2.31 -6.24
N LEU B 98 10.97 -2.39 -7.05
CA LEU B 98 10.96 -1.70 -8.34
C LEU B 98 10.64 -2.68 -9.47
N ASN B 99 10.22 -3.89 -9.10
CA ASN B 99 9.81 -4.88 -10.08
C ASN B 99 8.32 -5.12 -9.93
N GLU B 100 7.55 -4.79 -10.97
CA GLU B 100 6.09 -4.87 -10.91
C GLU B 100 5.56 -6.22 -10.43
N ASP B 101 6.22 -7.29 -10.82
CA ASP B 101 5.73 -8.63 -10.51
C ASP B 101 6.40 -9.26 -9.30
N GLU B 102 7.21 -8.49 -8.60
CA GLU B 102 7.81 -8.97 -7.35
C GLU B 102 7.19 -8.19 -6.20
N ASP B 103 7.90 -7.19 -5.66
CA ASP B 103 7.43 -6.54 -4.44
C ASP B 103 6.91 -5.10 -4.63
N TRP B 104 6.73 -4.66 -5.87
CA TRP B 104 6.13 -3.36 -6.11
C TRP B 104 4.70 -3.28 -5.58
N LYS B 105 4.41 -2.13 -4.96
CA LYS B 105 3.05 -1.82 -4.58
C LYS B 105 2.78 -0.43 -5.08
N PRO B 106 1.73 -0.27 -5.88
CA PRO B 106 1.36 1.05 -6.41
C PRO B 106 1.18 2.11 -5.35
N SER B 107 0.84 1.70 -4.14
CA SER B 107 0.55 2.64 -3.07
C SER B 107 1.81 3.27 -2.45
N ILE B 108 2.98 2.76 -2.80
CA ILE B 108 4.25 3.31 -2.33
C ILE B 108 4.47 4.70 -2.93
N THR B 109 4.93 5.66 -2.11
CA THR B 109 5.13 7.03 -2.60
C THR B 109 6.55 7.17 -3.16
N ILE B 110 6.74 8.21 -3.96
CA ILE B 110 8.07 8.52 -4.48
C ILE B 110 9.02 8.78 -3.32
N LYS B 111 8.54 9.43 -2.28
CA LYS B 111 9.37 9.66 -1.09
C LYS B 111 9.91 8.34 -0.53
N GLN B 112 9.02 7.35 -0.40
CA GLN B 112 9.43 6.07 0.16
C GLN B 112 10.37 5.32 -0.78
N ILE B 113 10.16 5.45 -2.08
CA ILE B 113 11.12 4.88 -3.02
C ILE B 113 12.50 5.49 -2.80
N LEU B 114 12.59 6.81 -2.68
CA LEU B 114 13.88 7.45 -2.48
C LEU B 114 14.51 7.05 -1.14
N LEU B 115 13.71 6.96 -0.08
CA LEU B 115 14.23 6.51 1.21
C LEU B 115 14.68 5.05 1.13
N GLY B 116 13.96 4.22 0.38
CA GLY B 116 14.36 2.84 0.19
C GLY B 116 15.67 2.70 -0.56
N ILE B 117 15.86 3.52 -1.58
CA ILE B 117 17.12 3.51 -2.32
C ILE B 117 18.27 4.04 -1.45
N GLN B 118 18.02 5.09 -0.66
CA GLN B 118 19.05 5.56 0.28
C GLN B 118 19.46 4.43 1.25
N ASP B 119 18.49 3.68 1.75
CA ASP B 119 18.80 2.58 2.66
C ASP B 119 19.55 1.47 1.96
N LEU B 120 19.19 1.19 0.71
CA LEU B 120 19.87 0.19 -0.09
C LEU B 120 21.36 0.49 -0.21
N LEU B 121 21.70 1.77 -0.39
CA LEU B 121 23.11 2.14 -0.50
C LEU B 121 23.91 1.62 0.68
N ASP B 122 23.39 1.81 1.89
CA ASP B 122 24.11 1.37 3.09
C ASP B 122 23.95 -0.11 3.38
N ASN B 123 22.94 -0.74 2.80
CA ASN B 123 22.64 -2.14 3.10
CA ASN B 123 22.63 -2.14 3.11
C ASN B 123 22.45 -2.97 1.85
N PRO B 124 23.55 -3.37 1.20
CA PRO B 124 23.49 -4.20 0.01
C PRO B 124 22.78 -5.52 0.24
N ASN B 125 22.15 -6.04 -0.80
CA ASN B 125 21.41 -7.29 -0.74
C ASN B 125 22.21 -8.37 -1.45
N PRO B 126 22.77 -9.30 -0.68
CA PRO B 126 23.66 -10.32 -1.24
C PRO B 126 22.93 -11.31 -2.13
N ASN B 127 21.59 -11.29 -2.11
CA ASN B 127 20.81 -12.23 -2.91
C ASN B 127 20.42 -11.73 -4.30
N SER B 128 20.59 -10.44 -4.56
CA SER B 128 20.27 -9.88 -5.87
C SER B 128 21.43 -9.09 -6.47
N PRO B 129 22.57 -9.75 -6.74
CA PRO B 129 23.72 -9.05 -7.28
C PRO B 129 23.47 -8.50 -8.68
N ALA B 130 23.83 -7.25 -8.88
CA ALA B 130 23.66 -6.60 -10.18
C ALA B 130 24.98 -6.13 -10.76
N GLN B 131 26.01 -6.05 -9.92
CA GLN B 131 27.31 -5.57 -10.37
C GLN B 131 28.39 -6.42 -9.75
N ALA B 132 29.12 -7.14 -10.59
CA ALA B 132 30.04 -8.19 -10.15
C ALA B 132 31.14 -7.74 -9.21
N GLU B 133 31.90 -6.69 -9.55
CA GLU B 133 33.06 -6.33 -8.73
C GLU B 133 32.68 -5.85 -7.32
N PRO B 134 31.73 -4.91 -7.20
CA PRO B 134 31.39 -4.51 -5.82
C PRO B 134 30.74 -5.65 -5.05
N PHE B 135 29.98 -6.52 -5.71
CA PHE B 135 29.44 -7.69 -5.04
C PHE B 135 30.55 -8.58 -4.50
N LEU B 136 31.57 -8.82 -5.31
CA LEU B 136 32.69 -9.66 -4.89
C LEU B 136 33.44 -9.08 -3.71
N LEU B 137 33.73 -7.78 -3.76
CA LEU B 137 34.46 -7.14 -2.67
C LEU B 137 33.59 -7.07 -1.42
N TYR B 138 32.32 -6.73 -1.57
CA TYR B 138 31.44 -6.69 -0.40
C TYR B 138 31.41 -8.04 0.31
N GLN B 139 31.40 -9.12 -0.47
CA GLN B 139 31.36 -10.45 0.11
C GLN B 139 32.68 -10.98 0.60
N GLN B 140 33.77 -10.69 -0.09
CA GLN B 140 35.01 -11.39 0.22
C GLN B 140 36.19 -10.51 0.63
N ASP B 141 36.06 -9.19 0.48
CA ASP B 141 37.15 -8.28 0.78
C ASP B 141 36.53 -6.92 1.10
N ARG B 142 35.89 -6.87 2.27
CA ARG B 142 35.12 -5.69 2.64
C ARG B 142 36.01 -4.46 2.79
N ASP B 143 37.26 -4.67 3.18
CA ASP B 143 38.18 -3.55 3.33
C ASP B 143 38.36 -2.81 2.01
N SER B 144 38.50 -3.57 0.93
CA SER B 144 38.64 -2.98 -0.40
CA SER B 144 38.64 -2.98 -0.40
C SER B 144 37.35 -2.32 -0.87
N TYR B 145 36.22 -2.94 -0.56
CA TYR B 145 34.93 -2.38 -0.88
C TYR B 145 34.77 -1.01 -0.23
N GLU B 146 35.02 -0.94 1.07
CA GLU B 146 34.85 0.32 1.80
C GLU B 146 35.80 1.40 1.28
N LYS B 147 37.03 1.03 0.97
CA LYS B 147 37.99 1.99 0.43
C LYS B 147 37.47 2.62 -0.89
N LYS B 148 36.93 1.78 -1.76
CA LYS B 148 36.44 2.28 -3.05
C LYS B 148 35.20 3.15 -2.89
N VAL B 149 34.31 2.76 -1.97
CA VAL B 149 33.08 3.52 -1.75
C VAL B 149 33.39 4.86 -1.10
N LYS B 150 34.28 4.90 -0.12
CA LYS B 150 34.60 6.18 0.53
C LYS B 150 35.18 7.15 -0.51
N LYS B 151 36.00 6.63 -1.42
CA LYS B 151 36.57 7.47 -2.47
C LYS B 151 35.50 8.00 -3.41
N GLN B 152 34.57 7.14 -3.78
CA GLN B 152 33.51 7.54 -4.67
C GLN B 152 32.56 8.54 -4.01
N ALA B 153 32.30 8.36 -2.71
CA ALA B 153 31.42 9.30 -2.01
C ALA B 153 31.96 10.72 -2.06
N ILE B 154 33.29 10.86 -2.02
CA ILE B 154 33.91 12.17 -2.14
C ILE B 154 33.62 12.79 -3.51
N GLU B 155 33.67 11.96 -4.54
N GLU B 155 33.69 11.95 -4.54
CA GLU B 155 33.42 12.42 -5.91
CA GLU B 155 33.45 12.43 -5.89
C GLU B 155 31.99 12.87 -6.13
C GLU B 155 32.01 12.94 -6.06
N PHE B 156 31.08 12.38 -5.29
CA PHE B 156 29.67 12.75 -5.41
C PHE B 156 29.27 13.87 -4.45
N ARG B 157 30.23 14.48 -3.75
CA ARG B 157 29.88 15.66 -2.98
C ARG B 157 29.38 16.75 -3.91
N PRO B 158 28.38 17.52 -3.47
CA PRO B 158 27.91 18.64 -4.28
C PRO B 158 29.08 19.54 -4.66
N LYS B 159 29.04 20.09 -5.86
CA LYS B 159 30.16 20.92 -6.31
C LYS B 159 30.32 22.09 -5.37
N ASP B 160 31.57 22.40 -5.06
CA ASP B 160 31.86 23.58 -4.25
C ASP B 160 33.19 24.21 -4.63
N MET C 1 -15.12 16.44 -17.28
CA MET C 1 -16.19 16.03 -16.39
C MET C 1 -16.48 14.53 -16.56
N ALA C 2 -15.85 13.90 -17.55
CA ALA C 2 -16.06 12.47 -17.71
C ALA C 2 -15.52 11.71 -16.50
N SER C 3 -16.19 10.62 -16.18
CA SER C 3 -15.80 9.76 -15.07
C SER C 3 -14.73 8.79 -15.51
N ILE C 4 -13.56 8.89 -14.88
CA ILE C 4 -12.47 7.95 -15.18
C ILE C 4 -12.91 6.53 -14.85
N ALA C 5 -13.62 6.36 -13.74
CA ALA C 5 -14.06 5.04 -13.29
C ALA C 5 -15.01 4.43 -14.30
N LYS C 6 -15.99 5.21 -14.74
CA LYS C 6 -16.99 4.68 -15.65
C LYS C 6 -16.40 4.43 -17.04
N LYS C 7 -15.41 5.23 -17.45
CA LYS C 7 -14.74 4.94 -18.71
C LYS C 7 -14.03 3.60 -18.64
N ARG C 8 -13.33 3.34 -17.54
CA ARG C 8 -12.63 2.09 -17.39
C ARG C 8 -13.61 0.91 -17.29
N LEU C 9 -14.71 1.11 -16.56
CA LEU C 9 -15.68 0.03 -16.41
C LEU C 9 -16.32 -0.33 -17.75
N ALA C 10 -16.57 0.66 -18.62
CA ALA C 10 -17.08 0.35 -19.96
C ALA C 10 -16.04 -0.45 -20.74
N GLN C 11 -14.77 -0.12 -20.57
CA GLN C 11 -13.72 -0.87 -21.24
C GLN C 11 -13.70 -2.31 -20.73
N GLU C 12 -13.85 -2.49 -19.43
CA GLU C 12 -13.90 -3.84 -18.85
C GLU C 12 -15.07 -4.64 -19.39
N ARG C 13 -16.23 -4.01 -19.51
CA ARG C 13 -17.41 -4.68 -20.06
C ARG C 13 -17.15 -5.09 -21.51
N ALA C 14 -16.52 -4.22 -22.29
CA ALA C 14 -16.23 -4.55 -23.67
C ALA C 14 -15.26 -5.73 -23.77
N GLU C 15 -14.24 -5.74 -22.91
CA GLU C 15 -13.28 -6.85 -22.94
C GLU C 15 -13.93 -8.14 -22.50
N TRP C 16 -14.78 -8.06 -21.48
CA TRP C 16 -15.50 -9.23 -21.00
C TRP C 16 -16.36 -9.84 -22.11
N ARG C 17 -17.07 -8.98 -22.83
CA ARG C 17 -17.89 -9.43 -23.95
C ARG C 17 -17.09 -10.03 -25.10
N LYS C 18 -15.87 -9.56 -25.30
CA LYS C 18 -15.05 -10.10 -26.38
C LYS C 18 -14.60 -11.51 -26.05
N ASP C 19 -14.26 -11.73 -24.78
CA ASP C 19 -13.79 -13.04 -24.35
C ASP C 19 -13.86 -13.15 -22.83
N HIS C 20 -14.61 -14.13 -22.33
CA HIS C 20 -14.60 -14.36 -20.90
C HIS C 20 -14.65 -15.86 -20.62
N PRO C 21 -14.19 -16.25 -19.43
CA PRO C 21 -14.13 -17.69 -19.15
C PRO C 21 -15.50 -18.34 -19.07
N ALA C 22 -15.61 -19.55 -19.60
CA ALA C 22 -16.86 -20.29 -19.59
C ALA C 22 -17.41 -20.48 -18.19
N GLY C 23 -18.72 -20.30 -18.05
CA GLY C 23 -19.38 -20.54 -16.78
C GLY C 23 -19.41 -19.34 -15.87
N PHE C 24 -18.66 -18.30 -16.22
CA PHE C 24 -18.66 -17.07 -15.44
C PHE C 24 -19.67 -16.09 -15.99
N SER C 25 -20.17 -15.22 -15.12
CA SER C 25 -21.05 -14.14 -15.54
C SER C 25 -20.60 -12.86 -14.84
N ALA C 26 -20.72 -11.74 -15.55
CA ALA C 26 -20.37 -10.43 -15.01
C ALA C 26 -21.20 -9.36 -15.73
N LYS C 27 -22.16 -8.76 -15.01
CA LYS C 27 -23.10 -7.78 -15.58
C LYS C 27 -23.23 -6.58 -14.65
N TYR C 28 -23.67 -5.44 -15.18
CA TYR C 28 -24.08 -4.35 -14.32
C TYR C 28 -25.32 -4.82 -13.56
N SER C 29 -25.43 -4.50 -12.27
CA SER C 29 -26.60 -4.95 -11.53
C SER C 29 -27.81 -4.02 -11.72
N PRO C 30 -29.02 -4.58 -11.59
CA PRO C 30 -30.21 -3.72 -11.71
C PRO C 30 -30.31 -2.71 -10.58
N MET C 31 -30.66 -1.47 -10.93
CA MET C 31 -31.03 -0.44 -9.96
C MET C 31 -32.23 -0.89 -9.12
N SER C 32 -32.25 -0.52 -7.84
CA SER C 32 -33.32 -0.95 -6.95
C SER C 32 -34.66 -0.31 -7.34
N ASP C 33 -34.60 0.84 -8.01
CA ASP C 33 -35.82 1.55 -8.43
C ASP C 33 -36.45 0.92 -9.67
N GLY C 34 -35.77 -0.06 -10.25
CA GLY C 34 -36.33 -0.85 -11.33
C GLY C 34 -35.95 -0.35 -12.71
N LYS C 35 -35.39 0.85 -12.77
CA LYS C 35 -35.06 1.45 -14.05
C LYS C 35 -33.56 1.47 -14.33
N GLY C 36 -33.14 0.59 -15.22
CA GLY C 36 -31.79 0.57 -15.71
C GLY C 36 -30.81 -0.16 -14.83
N LEU C 37 -29.54 -0.05 -15.21
CA LEU C 37 -28.45 -0.81 -14.60
C LEU C 37 -27.43 0.09 -13.93
N ASP C 38 -26.72 -0.48 -12.97
CA ASP C 38 -25.73 0.23 -12.17
C ASP C 38 -24.31 -0.22 -12.53
N ILE C 39 -23.62 0.62 -13.30
CA ILE C 39 -22.24 0.33 -13.71
C ILE C 39 -21.30 0.27 -12.50
N MET C 40 -21.68 0.87 -11.38
CA MET C 40 -20.80 0.91 -10.21
C MET C 40 -20.97 -0.32 -9.32
N LYS C 41 -21.95 -1.19 -9.60
CA LYS C 41 -22.09 -2.41 -8.82
C LYS C 41 -22.41 -3.55 -9.77
N TRP C 42 -21.44 -4.43 -9.97
CA TRP C 42 -21.67 -5.54 -10.89
C TRP C 42 -22.14 -6.76 -10.13
N ILE C 43 -23.01 -7.52 -10.77
CA ILE C 43 -23.45 -8.81 -10.25
C ILE C 43 -22.75 -9.88 -11.09
N CYS C 44 -22.05 -10.77 -10.40
CA CYS C 44 -21.23 -11.78 -11.06
C CYS C 44 -21.60 -13.15 -10.57
N LYS C 45 -21.18 -14.17 -11.32
CA LYS C 45 -21.33 -15.56 -10.92
C LYS C 45 -20.01 -16.26 -11.19
N ILE C 46 -19.53 -17.00 -10.21
CA ILE C 46 -18.30 -17.76 -10.34
C ILE C 46 -18.65 -19.24 -10.23
N PRO C 47 -18.29 -20.03 -11.25
CA PRO C 47 -18.49 -21.47 -11.14
C PRO C 47 -17.39 -22.10 -10.31
N GLY C 48 -17.72 -23.11 -9.51
CA GLY C 48 -16.68 -23.86 -8.85
C GLY C 48 -15.76 -24.50 -9.88
N LYS C 49 -14.46 -24.42 -9.64
CA LYS C 49 -13.51 -25.04 -10.56
C LYS C 49 -13.70 -26.55 -10.60
N LYS C 50 -13.72 -27.11 -11.80
CA LYS C 50 -13.88 -28.54 -11.95
C LYS C 50 -12.73 -29.26 -11.26
N GLY C 51 -13.05 -30.31 -10.51
CA GLY C 51 -12.05 -31.08 -9.81
C GLY C 51 -11.84 -30.65 -8.37
N GLY C 52 -12.39 -29.49 -8.01
CA GLY C 52 -12.25 -28.96 -6.66
C GLY C 52 -13.48 -29.15 -5.80
N LEU C 53 -13.41 -28.69 -4.55
CA LEU C 53 -14.50 -28.93 -3.60
C LEU C 53 -15.79 -28.20 -3.97
N TRP C 54 -15.68 -27.13 -4.76
CA TRP C 54 -16.82 -26.27 -5.04
C TRP C 54 -17.48 -26.60 -6.39
N GLU C 55 -16.97 -27.63 -7.07
CA GLU C 55 -17.48 -28.01 -8.39
C GLU C 55 -18.99 -28.24 -8.39
N GLY C 56 -19.67 -27.75 -9.43
CA GLY C 56 -21.09 -27.93 -9.58
C GLY C 56 -21.88 -26.72 -9.10
N GLY C 57 -21.30 -25.94 -8.21
CA GLY C 57 -21.99 -24.75 -7.74
C GLY C 57 -21.73 -23.54 -8.58
N GLU C 58 -22.68 -22.61 -8.57
CA GLU C 58 -22.55 -21.29 -9.18
C GLU C 58 -22.71 -20.30 -8.04
N TYR C 59 -21.68 -19.49 -7.82
CA TYR C 59 -21.61 -18.66 -6.60
C TYR C 59 -21.73 -17.19 -6.94
N PRO C 60 -22.86 -16.56 -6.56
CA PRO C 60 -23.09 -15.15 -6.86
C PRO C 60 -22.23 -14.24 -6.01
N LEU C 61 -21.72 -13.19 -6.64
CA LEU C 61 -20.83 -12.23 -6.00
C LEU C 61 -21.04 -10.85 -6.59
N THR C 62 -21.01 -9.83 -5.74
CA THR C 62 -21.07 -8.47 -6.23
C THR C 62 -19.69 -7.83 -6.21
N MET C 63 -19.48 -6.90 -7.14
CA MET C 63 -18.29 -6.05 -7.18
C MET C 63 -18.76 -4.62 -7.09
N GLU C 64 -18.33 -3.93 -6.05
CA GLU C 64 -18.76 -2.55 -5.85
C GLU C 64 -17.61 -1.60 -6.12
N PHE C 65 -17.80 -0.69 -7.07
CA PHE C 65 -16.76 0.27 -7.46
C PHE C 65 -17.10 1.66 -6.93
N THR C 66 -16.08 2.50 -6.75
CA THR C 66 -16.27 3.92 -6.47
C THR C 66 -15.65 4.78 -7.58
N GLU C 67 -15.82 6.09 -7.50
CA GLU C 67 -15.19 6.96 -8.51
C GLU C 67 -13.67 6.98 -8.38
N ASP C 68 -13.13 6.36 -7.33
CA ASP C 68 -11.68 6.22 -7.22
C ASP C 68 -11.13 4.99 -7.95
N TYR C 69 -12.01 4.16 -8.50
CA TYR C 69 -11.58 3.09 -9.38
C TYR C 69 -10.99 3.71 -10.65
N PRO C 70 -9.88 3.16 -11.16
CA PRO C 70 -9.20 1.93 -10.78
C PRO C 70 -8.03 2.07 -9.79
N SER C 71 -7.84 3.25 -9.21
CA SER C 71 -6.84 3.41 -8.17
CA SER C 71 -6.85 3.43 -8.15
C SER C 71 -7.23 2.56 -6.96
N LYS C 72 -8.52 2.55 -6.65
CA LYS C 72 -9.10 1.75 -5.57
C LYS C 72 -9.78 0.51 -6.12
N PRO C 73 -9.47 -0.66 -5.53
CA PRO C 73 -10.10 -1.90 -6.00
C PRO C 73 -11.57 -1.97 -5.66
N PRO C 74 -12.34 -2.76 -6.41
CA PRO C 74 -13.71 -3.02 -6.00
C PRO C 74 -13.78 -3.79 -4.69
N LYS C 75 -14.86 -3.57 -3.93
CA LYS C 75 -15.19 -4.46 -2.83
C LYS C 75 -15.96 -5.66 -3.41
N CYS C 76 -15.46 -6.87 -3.19
CA CYS C 76 -16.05 -8.08 -3.75
C CYS C 76 -16.66 -8.91 -2.65
N LYS C 77 -17.94 -9.24 -2.80
CA LYS C 77 -18.70 -9.90 -1.75
C LYS C 77 -19.58 -11.01 -2.27
N PHE C 78 -19.41 -12.22 -1.74
CA PHE C 78 -20.35 -13.28 -2.03
C PHE C 78 -21.69 -12.94 -1.36
N THR C 79 -22.78 -13.08 -2.11
CA THR C 79 -24.09 -12.64 -1.60
C THR C 79 -24.66 -13.65 -0.61
N THR C 80 -24.15 -14.88 -0.67
CA THR C 80 -24.34 -15.85 0.40
C THR C 80 -22.96 -16.16 0.95
N VAL C 81 -22.79 -16.05 2.26
CA VAL C 81 -21.48 -16.29 2.84
C VAL C 81 -21.11 -17.74 2.59
N LEU C 82 -19.89 -17.96 2.11
CA LEU C 82 -19.45 -19.32 1.86
C LEU C 82 -18.62 -19.80 3.03
N PHE C 83 -18.64 -21.11 3.25
CA PHE C 83 -17.86 -21.74 4.31
C PHE C 83 -16.40 -21.87 3.85
N HIS C 84 -15.64 -20.79 4.01
CA HIS C 84 -14.28 -20.70 3.48
C HIS C 84 -13.45 -19.82 4.40
N PRO C 85 -12.20 -20.23 4.68
CA PRO C 85 -11.40 -19.48 5.68
C PRO C 85 -11.14 -18.01 5.33
N ASN C 86 -11.17 -17.65 4.05
CA ASN C 86 -10.79 -16.31 3.65
C ASN C 86 -11.96 -15.47 3.18
N ILE C 87 -13.18 -15.91 3.48
CA ILE C 87 -14.38 -15.11 3.21
C ILE C 87 -14.91 -14.58 4.53
N TYR C 88 -14.94 -13.26 4.68
CA TYR C 88 -15.43 -12.67 5.92
C TYR C 88 -16.88 -13.01 6.14
N PRO C 89 -17.32 -12.98 7.40
CA PRO C 89 -18.74 -13.24 7.70
C PRO C 89 -19.68 -12.26 6.98
N SER C 90 -19.15 -11.12 6.55
CA SER C 90 -19.92 -10.18 5.74
C SER C 90 -20.13 -10.69 4.32
N GLY C 91 -19.29 -11.64 3.91
CA GLY C 91 -19.28 -12.08 2.53
C GLY C 91 -18.10 -11.54 1.76
N THR C 92 -17.42 -10.53 2.33
CA THR C 92 -16.29 -9.91 1.63
C THR C 92 -15.12 -10.88 1.44
N VAL C 93 -14.58 -10.88 0.23
CA VAL C 93 -13.42 -11.69 -0.10
C VAL C 93 -12.14 -11.04 0.44
N CYS C 94 -11.38 -11.80 1.22
CA CYS C 94 -10.09 -11.37 1.70
C CYS C 94 -9.03 -11.96 0.78
N LEU C 95 -8.40 -11.09 -0.01
CA LEU C 95 -7.50 -11.51 -1.06
C LEU C 95 -6.55 -10.36 -1.34
N SER C 96 -5.25 -10.64 -1.41
CA SER C 96 -4.24 -9.57 -1.51
C SER C 96 -4.38 -8.70 -2.76
N ILE C 97 -4.77 -9.27 -3.89
CA ILE C 97 -4.97 -8.41 -5.07
C ILE C 97 -6.16 -7.49 -4.95
N LEU C 98 -6.98 -7.67 -3.91
CA LEU C 98 -8.13 -6.78 -3.69
C LEU C 98 -7.87 -5.76 -2.58
N ASN C 99 -6.62 -5.67 -2.16
CA ASN C 99 -6.19 -4.76 -1.10
C ASN C 99 -5.30 -3.68 -1.70
N GLU C 100 -5.77 -2.44 -1.62
CA GLU C 100 -5.08 -1.29 -2.21
C GLU C 100 -3.64 -1.15 -1.71
N ASP C 101 -3.41 -1.56 -0.47
CA ASP C 101 -2.10 -1.37 0.13
C ASP C 101 -1.23 -2.60 -0.02
N GLU C 102 -1.76 -3.62 -0.69
CA GLU C 102 -0.97 -4.81 -0.99
C GLU C 102 -0.81 -5.02 -2.49
N ASP C 103 -1.51 -5.99 -3.06
CA ASP C 103 -1.24 -6.40 -4.44
C ASP C 103 -2.23 -5.93 -5.48
N TRP C 104 -3.19 -5.09 -5.11
CA TRP C 104 -4.02 -4.46 -6.13
C TRP C 104 -3.17 -3.58 -7.04
N LYS C 105 -3.43 -3.65 -8.34
CA LYS C 105 -2.84 -2.73 -9.30
C LYS C 105 -3.98 -2.26 -10.18
N PRO C 106 -4.03 -0.97 -10.50
CA PRO C 106 -5.10 -0.46 -11.36
C PRO C 106 -5.31 -1.23 -12.65
N SER C 107 -4.27 -1.87 -13.19
CA SER C 107 -4.41 -2.61 -14.45
C SER C 107 -5.04 -4.00 -14.32
N ILE C 108 -5.26 -4.48 -13.10
CA ILE C 108 -5.92 -5.77 -12.94
C ILE C 108 -7.32 -5.68 -13.53
N THR C 109 -7.68 -6.68 -14.33
CA THR C 109 -8.99 -6.71 -14.99
C THR C 109 -10.05 -7.43 -14.16
N ILE C 110 -11.31 -7.22 -14.51
CA ILE C 110 -12.39 -7.92 -13.83
C ILE C 110 -12.27 -9.44 -14.03
N LYS C 111 -11.85 -9.87 -15.22
CA LYS C 111 -11.59 -11.30 -15.47
C LYS C 111 -10.53 -11.83 -14.50
N GLN C 112 -9.46 -11.08 -14.31
CA GLN C 112 -8.41 -11.52 -13.40
C GLN C 112 -8.89 -11.60 -11.96
N ILE C 113 -9.74 -10.64 -11.56
CA ILE C 113 -10.33 -10.70 -10.23
C ILE C 113 -11.19 -11.95 -10.03
N LEU C 114 -12.08 -12.24 -10.98
CA LEU C 114 -12.97 -13.38 -10.85
C LEU C 114 -12.21 -14.72 -10.88
N LEU C 115 -11.20 -14.80 -11.74
CA LEU C 115 -10.37 -16.01 -11.78
C LEU C 115 -9.58 -16.13 -10.49
N GLY C 116 -9.13 -15.00 -9.96
CA GLY C 116 -8.40 -15.02 -8.70
C GLY C 116 -9.26 -15.48 -7.55
N ILE C 117 -10.51 -15.04 -7.52
CA ILE C 117 -11.43 -15.49 -6.48
C ILE C 117 -11.79 -16.96 -6.65
N GLN C 118 -11.99 -17.40 -7.90
CA GLN C 118 -12.25 -18.82 -8.12
C GLN C 118 -11.12 -19.68 -7.58
N ASP C 119 -9.89 -19.23 -7.83
CA ASP C 119 -8.73 -19.97 -7.35
C ASP C 119 -8.64 -19.98 -5.84
N LEU C 120 -8.96 -18.85 -5.23
CA LEU C 120 -8.96 -18.75 -3.77
C LEU C 120 -9.90 -19.79 -3.14
N LEU C 121 -11.06 -20.01 -3.76
CA LEU C 121 -12.00 -21.00 -3.23
C LEU C 121 -11.32 -22.35 -3.05
N ASP C 122 -10.54 -22.75 -4.05
CA ASP C 122 -9.85 -24.04 -3.98
C ASP C 122 -8.56 -24.02 -3.15
N ASN C 123 -8.01 -22.83 -2.92
CA ASN C 123 -6.71 -22.69 -2.27
CA ASN C 123 -6.71 -22.69 -2.27
C ASN C 123 -6.69 -21.68 -1.13
N PRO C 124 -7.22 -22.08 0.04
CA PRO C 124 -7.27 -21.18 1.19
C PRO C 124 -5.90 -20.69 1.63
N ASN C 125 -5.85 -19.47 2.17
CA ASN C 125 -4.63 -18.85 2.66
C ASN C 125 -4.64 -18.82 4.18
N PRO C 126 -3.79 -19.65 4.81
CA PRO C 126 -3.81 -19.78 6.27
C PRO C 126 -3.31 -18.56 7.02
N ASN C 127 -2.69 -17.63 6.31
CA ASN C 127 -2.18 -16.41 6.94
C ASN C 127 -3.17 -15.24 6.90
N SER C 128 -4.26 -15.42 6.17
CA SER C 128 -5.27 -14.37 6.09
C SER C 128 -6.64 -14.88 6.55
N PRO C 129 -6.74 -15.34 7.80
CA PRO C 129 -8.03 -15.86 8.25
C PRO C 129 -9.06 -14.75 8.35
N ALA C 130 -10.23 -15.01 7.78
CA ALA C 130 -11.31 -14.04 7.79
C ALA C 130 -12.58 -14.59 8.42
N GLN C 131 -12.65 -15.92 8.53
CA GLN C 131 -13.83 -16.57 9.09
C GLN C 131 -13.37 -17.68 10.01
N ALA C 132 -13.66 -17.52 11.29
CA ALA C 132 -13.09 -18.38 12.32
C ALA C 132 -13.40 -19.86 12.15
N GLU C 133 -14.66 -20.21 11.97
CA GLU C 133 -15.04 -21.63 11.97
C GLU C 133 -14.42 -22.43 10.80
N PRO C 134 -14.54 -21.94 9.55
CA PRO C 134 -13.88 -22.72 8.49
C PRO C 134 -12.36 -22.68 8.58
N PHE C 135 -11.80 -21.56 9.05
CA PHE C 135 -10.35 -21.48 9.23
C PHE C 135 -9.84 -22.52 10.20
N LEU C 136 -10.54 -22.63 11.32
CA LEU C 136 -10.16 -23.55 12.38
C LEU C 136 -10.27 -24.98 11.87
N LEU C 137 -11.35 -25.25 11.16
CA LEU C 137 -11.60 -26.60 10.68
C LEU C 137 -10.57 -26.98 9.60
N TYR C 138 -10.26 -26.03 8.73
CA TYR C 138 -9.23 -26.24 7.72
C TYR C 138 -7.88 -26.61 8.35
N GLN C 139 -7.54 -26.00 9.49
CA GLN C 139 -6.26 -26.29 10.14
C GLN C 139 -6.26 -27.60 10.89
N GLN C 140 -7.39 -27.89 11.54
CA GLN C 140 -7.46 -28.99 12.50
CA GLN C 140 -7.46 -28.99 12.51
C GLN C 140 -8.01 -30.29 11.93
N ASP C 141 -8.87 -30.19 10.92
CA ASP C 141 -9.58 -31.37 10.43
C ASP C 141 -10.02 -31.16 8.99
N ARG C 142 -9.08 -31.36 8.08
CA ARG C 142 -9.32 -31.08 6.67
C ARG C 142 -10.40 -31.98 6.08
N ASP C 143 -10.53 -33.21 6.58
CA ASP C 143 -11.58 -34.09 6.09
C ASP C 143 -12.97 -33.54 6.39
N SER C 144 -13.15 -33.02 7.60
CA SER C 144 -14.43 -32.45 7.98
C SER C 144 -14.69 -31.17 7.19
N TYR C 145 -13.64 -30.38 6.99
CA TYR C 145 -13.73 -29.18 6.18
C TYR C 145 -14.23 -29.50 4.77
N GLU C 146 -13.62 -30.49 4.15
CA GLU C 146 -13.99 -30.87 2.79
C GLU C 146 -15.44 -31.36 2.72
N LYS C 147 -15.85 -32.12 3.74
CA LYS C 147 -17.22 -32.62 3.81
CA LYS C 147 -17.22 -32.62 3.82
C LYS C 147 -18.23 -31.47 3.83
N LYS C 148 -17.97 -30.47 4.66
CA LYS C 148 -18.89 -29.36 4.80
C LYS C 148 -18.94 -28.52 3.54
N VAL C 149 -17.78 -28.32 2.91
CA VAL C 149 -17.77 -27.53 1.69
C VAL C 149 -18.51 -28.24 0.57
N LYS C 150 -18.27 -29.54 0.39
CA LYS C 150 -18.96 -30.24 -0.68
C LYS C 150 -20.47 -30.22 -0.47
N LYS C 151 -20.89 -30.31 0.79
CA LYS C 151 -22.32 -30.28 1.05
C LYS C 151 -22.91 -28.91 0.74
N GLN C 152 -22.20 -27.83 1.07
CA GLN C 152 -22.67 -26.50 0.73
C GLN C 152 -22.72 -26.27 -0.77
N ALA C 153 -21.75 -26.84 -1.48
CA ALA C 153 -21.68 -26.65 -2.93
C ALA C 153 -22.95 -27.12 -3.63
N ILE C 154 -23.58 -28.15 -3.10
CA ILE C 154 -24.82 -28.68 -3.66
C ILE C 154 -25.94 -27.63 -3.66
N GLU C 155 -25.97 -26.79 -2.62
CA GLU C 155 -26.99 -25.77 -2.48
C GLU C 155 -26.90 -24.67 -3.54
N PHE C 156 -25.74 -24.56 -4.19
CA PHE C 156 -25.51 -23.53 -5.18
C PHE C 156 -25.67 -24.00 -6.64
N ARG C 157 -26.22 -25.19 -6.82
CA ARG C 157 -26.53 -25.66 -8.17
C ARG C 157 -27.59 -24.80 -8.87
N PRO C 158 -27.46 -24.60 -10.19
CA PRO C 158 -28.39 -23.81 -11.00
C PRO C 158 -29.85 -24.24 -10.93
N LYS C 159 -30.75 -23.27 -10.90
CA LYS C 159 -32.20 -23.51 -10.89
C LYS C 159 -32.70 -24.02 -12.25
N ASP C 160 -33.64 -24.96 -12.23
CA ASP C 160 -34.31 -25.38 -13.47
C ASP C 160 -35.83 -25.53 -13.30
#